data_9IZ8
#
_entry.id   9IZ8
#
_cell.length_a   67.474
_cell.length_b   67.474
_cell.length_c   133.838
_cell.angle_alpha   90.00
_cell.angle_beta   90.00
_cell.angle_gamma   90.00
#
_symmetry.space_group_name_H-M   'P 43 21 2'
#
loop_
_entity.id
_entity.type
_entity.pdbx_description
1 polymer 'Heme haloperoxidase family profile domain-containing protein'
2 non-polymer 'PROTOPORPHYRIN IX CONTAINING FE'
3 non-polymer 'MAGNESIUM ION'
4 water water
#
_entity_poly.entity_id   1
_entity_poly.type   'polypeptide(L)'
_entity_poly.pdbx_seq_one_letter_code
;GFDSWHPPAPGDRRGPCPMLNTLANHGFLPHNGRNITKEITVNALNSALNVNKTLGELLFNFAVTTNPQPNATFFDLDHL
SRHNILEHDASLSRADYYFGHDDHTFNQTVFDQTKSYWKTPIIDVQQAANARLARVLTSNATNPTFVLSQIGEAFSFGET
AAYILALGDRVSGTVPRQWVEYLFENERLPLELGWRRAKEVISNSDLDQLTNRVINA
;
_entity_poly.pdbx_strand_id   A
#
loop_
_chem_comp.id
_chem_comp.type
_chem_comp.name
_chem_comp.formula
HEM non-polymer 'PROTOPORPHYRIN IX CONTAINING FE' 'C34 H32 Fe N4 O4'
MG non-polymer 'MAGNESIUM ION' 'Mg 2'
#
# COMPACT_ATOMS: atom_id res chain seq x y z
N GLY A 1 -14.86 -5.26 10.52
CA GLY A 1 -15.47 -4.82 9.28
C GLY A 1 -15.47 -3.32 9.13
N PHE A 2 -16.34 -2.79 8.26
CA PHE A 2 -16.38 -1.35 8.02
C PHE A 2 -16.75 -0.58 9.27
N ASP A 3 -17.55 -1.17 10.15
CA ASP A 3 -18.12 -0.46 11.29
C ASP A 3 -17.27 -0.52 12.55
N SER A 4 -16.16 -1.23 12.53
CA SER A 4 -15.28 -1.28 13.69
C SER A 4 -13.90 -0.76 13.31
N TRP A 5 -13.23 -0.14 14.26
CA TRP A 5 -11.88 0.33 14.03
C TRP A 5 -11.27 0.59 15.40
N HIS A 6 -10.06 0.08 15.62
CA HIS A 6 -9.32 0.60 16.75
C HIS A 6 -7.83 0.51 16.44
N PRO A 7 -7.02 1.34 17.09
CA PRO A 7 -5.60 1.40 16.76
C PRO A 7 -4.88 0.15 17.25
N PRO A 8 -3.68 -0.11 16.75
CA PRO A 8 -2.90 -1.24 17.26
C PRO A 8 -2.45 -1.01 18.70
N ALA A 9 -2.37 -2.11 19.43
CA ALA A 9 -1.83 -2.16 20.78
C ALA A 9 -0.53 -2.97 20.77
N PRO A 10 0.23 -2.96 21.86
CA PRO A 10 1.44 -3.80 21.94
C PRO A 10 1.13 -5.25 21.60
N GLY A 11 2.01 -5.86 20.81
CA GLY A 11 1.76 -7.18 20.30
C GLY A 11 1.04 -7.22 18.96
N ASP A 12 0.36 -6.12 18.58
CA ASP A 12 -0.26 -6.05 17.26
C ASP A 12 0.81 -5.66 16.25
N ARG A 13 1.02 -6.50 15.24
CA ARG A 13 2.04 -6.23 14.25
C ARG A 13 1.50 -5.32 13.15
N ARG A 14 2.30 -4.35 12.76
CA ARG A 14 2.00 -3.51 11.61
C ARG A 14 3.25 -3.42 10.74
N GLY A 15 3.03 -3.08 9.47
CA GLY A 15 4.09 -3.08 8.50
C GLY A 15 4.11 -1.84 7.64
N PRO A 16 4.72 -1.94 6.46
CA PRO A 16 4.91 -0.77 5.58
C PRO A 16 3.76 -0.50 4.63
N CYS A 17 2.75 -1.37 4.58
CA CYS A 17 1.62 -1.18 3.68
C CYS A 17 0.51 -0.43 4.38
N PRO A 18 0.13 0.77 3.91
CA PRO A 18 -0.97 1.49 4.59
C PRO A 18 -2.29 0.74 4.52
N MET A 19 -2.53 -0.02 3.45
CA MET A 19 -3.83 -0.67 3.32
C MET A 19 -3.94 -1.91 4.20
N LEU A 20 -2.91 -2.77 4.24
CA LEU A 20 -2.98 -3.92 5.15
C LEU A 20 -3.06 -3.47 6.60
N ASN A 21 -2.31 -2.42 6.97
CA ASN A 21 -2.42 -1.88 8.33
C ASN A 21 -3.86 -1.44 8.60
N THR A 22 -4.45 -0.75 7.64
CA THR A 22 -5.83 -0.30 7.76
C THR A 22 -6.79 -1.48 7.91
N LEU A 23 -6.61 -2.53 7.10
CA LEU A 23 -7.52 -3.67 7.18
C LEU A 23 -7.38 -4.42 8.49
N ALA A 24 -6.19 -4.43 9.09
CA ALA A 24 -6.07 -5.02 10.42
C ALA A 24 -6.73 -4.15 11.47
N ASN A 25 -6.59 -2.81 11.37
CA ASN A 25 -7.26 -1.93 12.33
C ASN A 25 -8.76 -2.12 12.30
N HIS A 26 -9.33 -2.41 11.12
CA HIS A 26 -10.76 -2.67 10.97
C HIS A 26 -11.16 -4.09 11.33
N GLY A 27 -10.21 -4.99 11.53
CA GLY A 27 -10.54 -6.38 11.77
C GLY A 27 -10.90 -7.17 10.53
N PHE A 28 -10.70 -6.62 9.32
CA PHE A 28 -10.82 -7.46 8.13
C PHE A 28 -9.70 -8.50 8.11
N LEU A 29 -8.50 -8.07 8.38
CA LEU A 29 -7.42 -8.95 8.80
C LEU A 29 -7.44 -9.07 10.30
N PRO A 30 -6.81 -10.07 10.89
CA PRO A 30 -6.74 -10.14 12.35
C PRO A 30 -6.18 -8.83 12.90
N HIS A 31 -6.82 -8.30 13.93
CA HIS A 31 -6.35 -7.02 14.46
C HIS A 31 -4.92 -7.10 14.97
N ASN A 32 -4.43 -8.29 15.35
CA ASN A 32 -3.04 -8.37 15.81
C ASN A 32 -2.05 -8.49 14.64
N GLY A 33 -2.52 -8.49 13.41
CA GLY A 33 -1.61 -8.51 12.28
C GLY A 33 -0.76 -9.77 12.18
N ARG A 34 -1.21 -10.88 12.78
CA ARG A 34 -0.39 -12.09 12.85
C ARG A 34 -1.17 -13.28 12.30
N ASN A 35 -0.41 -14.28 11.85
CA ASN A 35 -0.99 -15.56 11.40
C ASN A 35 -1.96 -15.34 10.26
N ILE A 36 -1.53 -14.56 9.27
CA ILE A 36 -2.37 -14.23 8.13
C ILE A 36 -2.19 -15.29 7.06
N THR A 37 -3.26 -16.03 6.76
CA THR A 37 -3.25 -17.15 5.84
C THR A 37 -3.76 -16.71 4.47
N LYS A 38 -3.65 -17.63 3.50
CA LYS A 38 -4.17 -17.31 2.17
C LYS A 38 -5.65 -17.03 2.23
N GLU A 39 -6.40 -17.85 2.96
CA GLU A 39 -7.85 -17.69 3.03
C GLU A 39 -8.22 -16.37 3.70
N ILE A 40 -7.51 -16.01 4.78
CA ILE A 40 -7.80 -14.75 5.47
C ILE A 40 -7.47 -13.56 4.56
N THR A 41 -6.35 -13.63 3.86
CA THR A 41 -5.94 -12.56 2.95
C THR A 41 -6.98 -12.37 1.85
N VAL A 42 -7.33 -13.45 1.16
CA VAL A 42 -8.27 -13.39 0.05
C VAL A 42 -9.61 -12.85 0.51
N ASN A 43 -10.09 -13.33 1.66
CA ASN A 43 -11.39 -12.89 2.14
C ASN A 43 -11.37 -11.43 2.57
N ALA A 44 -10.28 -10.99 3.20
CA ALA A 44 -10.18 -9.60 3.64
C ALA A 44 -10.14 -8.64 2.46
N LEU A 45 -9.34 -8.95 1.45
CA LEU A 45 -9.23 -8.07 0.30
C LEU A 45 -10.53 -8.05 -0.49
N ASN A 46 -11.21 -9.19 -0.59
CA ASN A 46 -12.48 -9.23 -1.31
C ASN A 46 -13.57 -8.50 -0.53
N SER A 47 -13.71 -8.81 0.76
CA SER A 47 -14.80 -8.20 1.53
C SER A 47 -14.63 -6.70 1.66
N ALA A 48 -13.41 -6.24 1.91
CA ALA A 48 -13.22 -4.82 2.15
C ALA A 48 -13.14 -4.02 0.86
N LEU A 49 -12.51 -4.56 -0.19
CA LEU A 49 -12.16 -3.76 -1.37
C LEU A 49 -12.67 -4.32 -2.68
N ASN A 50 -13.29 -5.50 -2.67
CA ASN A 50 -13.75 -6.17 -3.90
C ASN A 50 -12.57 -6.57 -4.80
N VAL A 51 -11.46 -6.99 -4.17
CA VAL A 51 -10.32 -7.52 -4.92
C VAL A 51 -10.63 -8.94 -5.35
N ASN A 52 -10.48 -9.22 -6.65
CA ASN A 52 -10.64 -10.56 -7.21
C ASN A 52 -9.84 -11.58 -6.40
N LYS A 53 -10.48 -12.70 -6.07
CA LYS A 53 -9.81 -13.67 -5.20
C LYS A 53 -8.56 -14.24 -5.87
N THR A 54 -8.51 -14.24 -7.20
CA THR A 54 -7.30 -14.65 -7.89
C THR A 54 -6.16 -13.67 -7.63
N LEU A 55 -6.46 -12.38 -7.70
CA LEU A 55 -5.46 -11.36 -7.38
C LEU A 55 -5.06 -11.45 -5.92
N GLY A 56 -6.04 -11.61 -5.01
CA GLY A 56 -5.73 -11.74 -3.60
C GLY A 56 -4.79 -12.90 -3.30
N GLU A 57 -4.99 -14.02 -3.99
CA GLU A 57 -4.10 -15.16 -3.78
C GLU A 57 -2.68 -14.85 -4.26
N LEU A 58 -2.56 -14.20 -5.42
CA LEU A 58 -1.24 -13.82 -5.94
C LEU A 58 -0.51 -12.91 -4.96
N LEU A 59 -1.22 -11.92 -4.39
CA LEU A 59 -0.60 -11.03 -3.43
C LEU A 59 -0.18 -11.76 -2.17
N PHE A 60 -1.01 -12.68 -1.68
CA PHE A 60 -0.59 -13.50 -0.54
C PHE A 60 0.70 -14.25 -0.85
N ASN A 61 0.78 -14.84 -2.04
CA ASN A 61 1.96 -15.61 -2.41
C ASN A 61 3.23 -14.75 -2.37
N PHE A 62 3.11 -13.46 -2.72
CA PHE A 62 4.25 -12.56 -2.50
C PHE A 62 4.50 -12.35 -1.02
N ALA A 63 3.43 -12.03 -0.28
CA ALA A 63 3.58 -11.71 1.13
C ALA A 63 4.28 -12.81 1.89
N VAL A 64 3.91 -14.07 1.63
CA VAL A 64 4.43 -15.16 2.44
C VAL A 64 5.92 -15.35 2.23
N THR A 65 6.48 -14.89 1.11
CA THR A 65 7.93 -14.96 0.93
C THR A 65 8.70 -14.16 1.96
N THR A 66 8.05 -13.21 2.65
CA THR A 66 8.76 -12.39 3.63
C THR A 66 8.80 -13.01 5.01
N ASN A 67 8.02 -14.05 5.28
CA ASN A 67 8.08 -14.72 6.58
C ASN A 67 9.41 -15.44 6.70
N PRO A 68 10.25 -15.11 7.70
CA PRO A 68 11.57 -15.78 7.80
C PRO A 68 11.50 -17.22 8.26
N GLN A 69 10.34 -17.70 8.69
CA GLN A 69 10.19 -19.07 9.18
C GLN A 69 10.16 -20.05 8.02
N PRO A 70 10.97 -21.11 8.04
CA PRO A 70 10.90 -22.12 6.98
C PRO A 70 9.52 -22.77 6.90
N ASN A 71 9.09 -23.07 5.67
CA ASN A 71 7.84 -23.78 5.39
C ASN A 71 6.61 -23.04 5.92
N ALA A 72 6.68 -21.72 6.02
CA ALA A 72 5.57 -20.94 6.53
C ALA A 72 4.41 -20.89 5.54
N THR A 73 3.19 -21.06 6.07
CA THR A 73 1.96 -20.91 5.29
C THR A 73 1.18 -19.67 5.71
N PHE A 74 1.85 -18.73 6.36
CA PHE A 74 1.24 -17.50 6.85
C PHE A 74 2.29 -16.41 6.83
N PHE A 75 1.85 -15.16 7.07
CA PHE A 75 2.78 -14.08 7.34
C PHE A 75 2.18 -13.17 8.41
N ASP A 76 3.06 -12.41 9.06
CA ASP A 76 2.69 -11.32 9.96
C ASP A 76 2.99 -10.00 9.27
N LEU A 77 2.26 -8.93 9.64
CA LEU A 77 2.43 -7.69 8.87
C LEU A 77 3.84 -7.13 9.00
N ASP A 78 4.53 -7.35 10.12
CA ASP A 78 5.88 -6.81 10.22
C ASP A 78 6.91 -7.62 9.43
N HIS A 79 6.61 -8.84 9.01
CA HIS A 79 7.52 -9.52 8.10
C HIS A 79 7.71 -8.73 6.81
N LEU A 80 6.66 -8.01 6.40
CA LEU A 80 6.71 -7.22 5.17
C LEU A 80 7.75 -6.11 5.23
N SER A 81 8.21 -5.74 6.43
CA SER A 81 9.15 -4.65 6.61
C SER A 81 10.58 -5.04 6.30
N ARG A 82 10.88 -6.32 6.11
CA ARG A 82 12.25 -6.73 5.82
C ARG A 82 12.75 -6.04 4.54
N HIS A 83 13.89 -5.36 4.66
CA HIS A 83 14.33 -4.44 3.62
C HIS A 83 14.70 -5.18 2.35
N ASN A 84 14.22 -4.66 1.21
CA ASN A 84 14.56 -5.16 -0.13
C ASN A 84 14.12 -6.60 -0.37
N ILE A 85 13.02 -7.04 0.24
CA ILE A 85 12.36 -8.26 -0.23
C ILE A 85 11.15 -7.81 -1.04
N LEU A 86 10.07 -7.41 -0.37
CA LEU A 86 9.01 -6.65 -1.03
C LEU A 86 9.16 -5.15 -0.79
N GLU A 87 9.51 -4.78 0.43
CA GLU A 87 9.80 -3.40 0.78
C GLU A 87 10.96 -2.88 -0.07
N HIS A 88 10.92 -1.59 -0.38
CA HIS A 88 11.94 -0.99 -1.24
C HIS A 88 12.11 0.48 -0.88
N ASP A 89 13.23 1.05 -1.32
CA ASP A 89 13.48 2.48 -1.14
C ASP A 89 12.48 3.33 -1.93
N ALA A 90 12.48 4.63 -1.65
CA ALA A 90 11.66 5.62 -2.38
C ALA A 90 10.16 5.38 -2.20
N SER A 91 9.77 5.00 -0.98
CA SER A 91 8.36 4.93 -0.62
C SER A 91 7.73 6.32 -0.49
N LEU A 92 6.40 6.34 -0.52
CA LEU A 92 5.64 7.59 -0.46
C LEU A 92 5.45 8.10 0.96
N SER A 93 5.53 7.23 1.95
CA SER A 93 5.14 7.60 3.30
C SER A 93 6.08 7.06 4.37
N ARG A 94 7.09 6.26 3.99
CA ARG A 94 8.06 5.70 4.91
C ARG A 94 9.45 6.18 4.51
N ALA A 95 10.35 6.28 5.50
CA ALA A 95 11.73 6.61 5.21
C ALA A 95 12.44 5.41 4.57
N ASP A 96 13.47 5.71 3.76
CA ASP A 96 14.38 4.64 3.34
C ASP A 96 15.02 4.01 4.57
N TYR A 97 15.25 2.69 4.49
CA TYR A 97 15.86 1.97 5.60
C TYR A 97 17.19 2.61 6.01
N TYR A 98 17.93 3.13 5.05
CA TYR A 98 19.27 3.66 5.32
C TYR A 98 19.30 4.62 6.50
N PHE A 99 18.36 5.57 6.56
CA PHE A 99 18.55 6.74 7.42
C PHE A 99 18.44 6.40 8.90
N GLY A 100 17.45 5.61 9.29
CA GLY A 100 17.27 5.30 10.69
C GLY A 100 16.95 3.84 10.96
N HIS A 101 17.18 3.00 9.96
CA HIS A 101 16.84 1.58 10.02
C HIS A 101 15.36 1.37 10.37
N ASP A 102 14.50 2.28 9.88
CA ASP A 102 13.06 2.17 10.10
C ASP A 102 12.38 2.44 8.77
N ASP A 103 12.07 1.38 8.03
CA ASP A 103 11.33 1.49 6.79
C ASP A 103 9.85 1.18 6.96
N HIS A 104 9.35 1.18 8.19
CA HIS A 104 7.97 0.77 8.43
C HIS A 104 7.10 1.81 9.12
N THR A 105 7.67 2.64 9.98
CA THR A 105 6.87 3.64 10.69
C THR A 105 6.42 4.74 9.74
N PHE A 106 5.15 5.11 9.79
CA PHE A 106 4.69 6.23 8.99
C PHE A 106 5.50 7.47 9.31
N ASN A 107 5.94 8.18 8.27
CA ASN A 107 6.83 9.32 8.42
C ASN A 107 6.18 10.54 7.79
N GLN A 108 5.73 11.48 8.63
CA GLN A 108 4.95 12.62 8.13
C GLN A 108 5.77 13.53 7.22
N THR A 109 7.07 13.64 7.48
CA THR A 109 7.94 14.47 6.64
C THR A 109 8.01 13.92 5.22
N VAL A 110 8.21 12.61 5.11
CA VAL A 110 8.20 11.95 3.81
C VAL A 110 6.84 12.13 3.13
N PHE A 111 5.76 11.82 3.86
CA PHE A 111 4.45 11.89 3.24
C PHE A 111 4.11 13.32 2.82
N ASP A 112 4.56 14.33 3.58
CA ASP A 112 4.31 15.71 3.19
C ASP A 112 4.91 16.01 1.82
N GLN A 113 6.08 15.43 1.53
CA GLN A 113 6.66 15.63 0.20
C GLN A 113 5.75 15.03 -0.87
N THR A 114 5.32 13.79 -0.65
CA THR A 114 4.39 13.15 -1.58
C THR A 114 3.14 14.00 -1.78
N LYS A 115 2.54 14.49 -0.69
CA LYS A 115 1.31 15.26 -0.78
C LYS A 115 1.48 16.54 -1.59
N SER A 116 2.70 17.09 -1.61
CA SER A 116 2.91 18.34 -2.34
C SER A 116 2.70 18.18 -3.84
N TYR A 117 2.73 16.96 -4.36
CA TYR A 117 2.47 16.70 -5.78
C TYR A 117 1.00 16.50 -6.07
N TRP A 118 0.18 16.36 -5.03
CA TRP A 118 -1.26 16.23 -5.18
C TRP A 118 -1.88 17.62 -5.04
N LYS A 119 -1.82 18.37 -6.14
CA LYS A 119 -2.13 19.79 -6.06
C LYS A 119 -3.62 20.10 -6.02
N THR A 120 -4.46 19.17 -6.45
CA THR A 120 -5.89 19.44 -6.60
C THR A 120 -6.71 18.45 -5.78
N PRO A 121 -7.98 18.76 -5.49
CA PRO A 121 -8.80 17.83 -4.69
C PRO A 121 -8.95 16.44 -5.29
N ILE A 122 -8.84 16.30 -6.61
CA ILE A 122 -8.81 15.00 -7.27
C ILE A 122 -7.41 14.74 -7.79
N ILE A 123 -6.83 13.59 -7.43
CA ILE A 123 -5.55 13.13 -7.96
C ILE A 123 -5.80 12.44 -9.30
N ASP A 124 -4.97 12.75 -10.31
CA ASP A 124 -5.00 12.01 -11.58
C ASP A 124 -3.69 11.25 -11.77
N VAL A 125 -3.62 10.49 -12.88
CA VAL A 125 -2.47 9.61 -13.11
C VAL A 125 -1.18 10.42 -13.24
N GLN A 126 -1.25 11.60 -13.86
CA GLN A 126 -0.04 12.41 -13.99
C GLN A 126 0.49 12.87 -12.63
N GLN A 127 -0.39 13.37 -11.76
CA GLN A 127 0.07 13.82 -10.46
C GLN A 127 0.57 12.66 -9.62
N ALA A 128 -0.12 11.52 -9.71
CA ALA A 128 0.33 10.32 -9.00
C ALA A 128 1.72 9.91 -9.47
N ALA A 129 1.96 9.94 -10.79
CA ALA A 129 3.27 9.58 -11.31
C ALA A 129 4.33 10.59 -10.89
N ASN A 130 3.99 11.88 -10.88
CA ASN A 130 4.94 12.90 -10.45
C ASN A 130 5.36 12.67 -9.00
N ALA A 131 4.41 12.36 -8.13
CA ALA A 131 4.73 12.20 -6.71
C ALA A 131 5.72 11.07 -6.53
N ARG A 132 5.46 9.93 -7.18
CA ARG A 132 6.34 8.78 -7.05
C ARG A 132 7.73 9.09 -7.60
N LEU A 133 7.79 9.70 -8.79
CA LEU A 133 9.09 10.02 -9.38
C LEU A 133 9.89 10.97 -8.49
N ALA A 134 9.21 11.98 -7.92
CA ALA A 134 9.90 12.89 -7.02
C ALA A 134 10.52 12.15 -5.83
N ARG A 135 9.82 11.15 -5.31
CA ARG A 135 10.39 10.35 -4.23
C ARG A 135 11.62 9.58 -4.70
N VAL A 136 11.57 8.99 -5.90
CA VAL A 136 12.72 8.28 -6.44
C VAL A 136 13.91 9.22 -6.59
N LEU A 137 13.69 10.40 -7.17
CA LEU A 137 14.78 11.36 -7.36
C LEU A 137 15.37 11.79 -6.03
N THR A 138 14.52 11.97 -5.01
CA THR A 138 15.00 12.42 -3.72
C THR A 138 15.82 11.36 -3.01
N SER A 139 15.35 10.11 -3.01
CA SER A 139 16.16 9.02 -2.45
C SER A 139 17.48 8.88 -3.20
N ASN A 140 17.43 8.97 -4.54
CA ASN A 140 18.64 8.82 -5.33
C ASN A 140 19.67 9.89 -4.98
N ALA A 141 19.21 11.11 -4.68
CA ALA A 141 20.10 12.23 -4.38
C ALA A 141 20.61 12.22 -2.95
N THR A 142 19.92 11.55 -2.02
CA THR A 142 20.24 11.70 -0.61
C THR A 142 20.65 10.41 0.09
N ASN A 143 20.36 9.25 -0.49
CA ASN A 143 20.65 7.96 0.14
C ASN A 143 21.82 7.32 -0.59
N PRO A 144 23.01 7.27 0.00
CA PRO A 144 24.17 6.68 -0.70
C PRO A 144 24.04 5.19 -0.94
N THR A 145 23.08 4.52 -0.30
CA THR A 145 22.84 3.11 -0.53
C THR A 145 21.57 2.85 -1.33
N PHE A 146 20.98 3.90 -1.92
CA PHE A 146 19.73 3.77 -2.67
C PHE A 146 19.81 2.66 -3.71
N VAL A 147 18.81 1.79 -3.70
CA VAL A 147 18.63 0.83 -4.79
C VAL A 147 17.14 0.77 -5.10
N LEU A 148 16.82 0.73 -6.38
CA LEU A 148 15.48 0.39 -6.83
C LEU A 148 15.64 -0.68 -7.91
N SER A 149 15.54 -1.94 -7.51
CA SER A 149 15.71 -3.06 -8.42
C SER A 149 14.58 -3.08 -9.46
N GLN A 150 14.77 -3.90 -10.50
CA GLN A 150 13.70 -4.05 -11.48
C GLN A 150 12.38 -4.42 -10.83
N ILE A 151 12.43 -5.35 -9.88
CA ILE A 151 11.20 -5.77 -9.23
C ILE A 151 10.72 -4.70 -8.26
N GLY A 152 11.63 -4.08 -7.52
CA GLY A 152 11.24 -2.97 -6.66
C GLY A 152 10.57 -1.85 -7.41
N GLU A 153 11.08 -1.52 -8.60
CA GLU A 153 10.45 -0.49 -9.41
C GLU A 153 9.05 -0.91 -9.86
N ALA A 154 8.90 -2.15 -10.31
CA ALA A 154 7.58 -2.64 -10.68
C ALA A 154 6.62 -2.57 -9.50
N PHE A 155 7.10 -2.94 -8.31
CA PHE A 155 6.27 -2.82 -7.12
C PHE A 155 5.86 -1.38 -6.87
N SER A 156 6.84 -0.47 -6.97
CA SER A 156 6.60 0.96 -6.76
C SER A 156 5.52 1.50 -7.69
N PHE A 157 5.60 1.18 -8.98
CA PHE A 157 4.54 1.60 -9.90
C PHE A 157 3.19 0.99 -9.51
N GLY A 158 3.18 -0.29 -9.14
CA GLY A 158 1.96 -0.95 -8.75
C GLY A 158 1.32 -0.36 -7.51
N GLU A 159 2.13 0.13 -6.57
CA GLU A 159 1.58 0.68 -5.34
C GLU A 159 0.83 1.99 -5.60
N THR A 160 1.36 2.82 -6.50
CA THR A 160 0.64 4.04 -6.88
C THR A 160 -0.65 3.71 -7.62
N ALA A 161 -0.61 2.73 -8.55
CA ALA A 161 -1.84 2.27 -9.17
C ALA A 161 -2.84 1.76 -8.14
N ALA A 162 -2.35 1.09 -7.10
CA ALA A 162 -3.22 0.43 -6.13
C ALA A 162 -4.09 1.44 -5.39
N TYR A 163 -3.54 2.59 -4.97
CA TYR A 163 -4.40 3.50 -4.22
C TYR A 163 -5.45 4.16 -5.11
N ILE A 164 -5.14 4.36 -6.41
CA ILE A 164 -6.15 4.83 -7.34
C ILE A 164 -7.24 3.78 -7.53
N LEU A 165 -6.83 2.53 -7.70
CA LEU A 165 -7.75 1.45 -8.04
C LEU A 165 -8.65 1.09 -6.84
N ALA A 166 -8.08 1.02 -5.65
CA ALA A 166 -8.87 0.61 -4.49
C ALA A 166 -9.79 1.72 -3.99
N LEU A 167 -9.39 2.99 -4.15
CA LEU A 167 -10.16 4.10 -3.58
C LEU A 167 -10.86 4.97 -4.61
N GLY A 168 -10.51 4.84 -5.90
CA GLY A 168 -10.98 5.77 -6.90
C GLY A 168 -11.58 5.08 -8.11
N ASP A 169 -11.43 5.75 -9.25
CA ASP A 169 -12.08 5.38 -10.50
C ASP A 169 -11.03 4.93 -11.50
N ARG A 170 -11.09 3.67 -11.91
CA ARG A 170 -10.05 3.08 -12.74
C ARG A 170 -10.14 3.52 -14.19
N VAL A 171 -11.28 4.02 -14.63
CA VAL A 171 -11.42 4.44 -16.03
C VAL A 171 -10.80 5.81 -16.24
N SER A 172 -11.27 6.81 -15.47
CA SER A 172 -10.61 8.11 -15.48
C SER A 172 -9.22 8.07 -14.85
N GLY A 173 -8.94 7.07 -14.02
CA GLY A 173 -7.66 7.04 -13.32
C GLY A 173 -7.53 8.18 -12.34
N THR A 174 -8.57 8.40 -11.54
CA THR A 174 -8.57 9.50 -10.58
C THR A 174 -9.07 9.01 -9.23
N VAL A 175 -8.75 9.78 -8.20
CA VAL A 175 -9.09 9.42 -6.81
C VAL A 175 -9.08 10.68 -5.97
N PRO A 176 -10.00 10.84 -5.01
CA PRO A 176 -9.96 12.04 -4.17
C PRO A 176 -8.70 12.09 -3.32
N ARG A 177 -7.99 13.21 -3.40
CA ARG A 177 -6.78 13.42 -2.61
C ARG A 177 -7.03 13.18 -1.12
N GLN A 178 -8.16 13.68 -0.61
CA GLN A 178 -8.42 13.58 0.82
C GLN A 178 -8.57 12.15 1.28
N TRP A 179 -9.11 11.28 0.42
CA TRP A 179 -9.28 9.87 0.81
C TRP A 179 -7.94 9.17 0.91
N VAL A 180 -7.03 9.44 -0.04
CA VAL A 180 -5.70 8.83 0.02
C VAL A 180 -4.94 9.34 1.23
N GLU A 181 -4.98 10.65 1.47
CA GLU A 181 -4.31 11.21 2.65
C GLU A 181 -4.89 10.60 3.92
N TYR A 182 -6.21 10.44 3.97
CA TYR A 182 -6.87 9.86 5.14
C TYR A 182 -6.38 8.44 5.38
N LEU A 183 -6.33 7.62 4.32
CA LEU A 183 -5.86 6.24 4.46
C LEU A 183 -4.47 6.20 5.08
N PHE A 184 -3.53 6.99 4.53
CA PHE A 184 -2.15 6.95 5.01
C PHE A 184 -2.03 7.49 6.42
N GLU A 185 -2.67 8.63 6.70
CA GLU A 185 -2.41 9.30 7.97
C GLU A 185 -3.19 8.72 9.13
N ASN A 186 -4.33 8.07 8.85
CA ASN A 186 -5.13 7.48 9.91
C ASN A 186 -5.11 5.96 9.92
N GLU A 187 -4.70 5.33 8.82
CA GLU A 187 -4.85 3.89 8.61
C GLU A 187 -6.24 3.43 9.03
N ARG A 188 -7.22 4.12 8.44
CA ARG A 188 -8.64 3.85 8.56
C ARG A 188 -9.25 4.14 7.20
N LEU A 189 -10.27 3.38 6.83
CA LEU A 189 -10.91 3.62 5.54
C LEU A 189 -11.72 4.92 5.60
N PRO A 190 -11.65 5.75 4.53
CA PRO A 190 -12.32 7.07 4.53
C PRO A 190 -13.83 6.99 4.31
N LEU A 191 -14.48 6.11 5.06
CA LEU A 191 -15.92 5.91 4.94
C LEU A 191 -16.70 7.19 5.24
N GLU A 192 -16.28 7.95 6.27
CA GLU A 192 -17.07 9.11 6.65
C GLU A 192 -17.01 10.21 5.61
N LEU A 193 -16.04 10.15 4.70
CA LEU A 193 -15.93 11.12 3.62
C LEU A 193 -16.65 10.67 2.36
N GLY A 194 -17.23 9.47 2.35
CA GLY A 194 -18.07 9.02 1.27
C GLY A 194 -17.53 7.85 0.48
N TRP A 195 -16.32 7.37 0.77
CA TRP A 195 -15.77 6.24 0.02
C TRP A 195 -16.67 5.02 0.16
N ARG A 196 -16.94 4.38 -0.97
CA ARG A 196 -17.64 3.10 -1.03
C ARG A 196 -16.71 2.05 -1.60
N ARG A 197 -16.81 0.83 -1.08
CA ARG A 197 -16.18 -0.33 -1.69
C ARG A 197 -16.46 -0.38 -3.19
N ALA A 198 -15.43 -0.67 -3.98
CA ALA A 198 -15.56 -0.69 -5.43
C ALA A 198 -16.71 -1.58 -5.87
N LYS A 199 -17.57 -1.05 -6.74
CA LYS A 199 -18.69 -1.86 -7.19
C LYS A 199 -18.29 -2.84 -8.27
N GLU A 200 -17.18 -2.58 -8.97
CA GLU A 200 -16.62 -3.49 -9.95
C GLU A 200 -15.46 -4.25 -9.34
N VAL A 201 -15.42 -5.56 -9.59
CA VAL A 201 -14.31 -6.38 -9.09
C VAL A 201 -12.97 -5.84 -9.61
N ILE A 202 -11.98 -5.83 -8.73
CA ILE A 202 -10.62 -5.40 -9.07
C ILE A 202 -9.80 -6.65 -9.37
N SER A 203 -9.35 -6.79 -10.61
CA SER A 203 -8.63 -7.98 -11.06
C SER A 203 -7.24 -7.61 -11.55
N ASN A 204 -6.44 -8.65 -11.84
CA ASN A 204 -5.09 -8.45 -12.37
C ASN A 204 -5.08 -7.50 -13.54
N SER A 205 -6.05 -7.65 -14.46
CA SER A 205 -6.07 -6.82 -15.66
C SER A 205 -6.29 -5.35 -15.31
N ASP A 206 -7.11 -5.09 -14.30
CA ASP A 206 -7.32 -3.71 -13.86
C ASP A 206 -6.04 -3.12 -13.27
N LEU A 207 -5.35 -3.89 -12.44
CA LEU A 207 -4.09 -3.40 -11.88
C LEU A 207 -3.05 -3.21 -12.97
N ASP A 208 -3.01 -4.12 -13.95
CA ASP A 208 -2.01 -4.01 -15.02
C ASP A 208 -2.23 -2.75 -15.86
N GLN A 209 -3.48 -2.49 -16.28
CA GLN A 209 -3.72 -1.35 -17.17
C GLN A 209 -3.44 -0.04 -16.45
N LEU A 210 -3.77 0.06 -15.16
CA LEU A 210 -3.52 1.30 -14.45
C LEU A 210 -2.03 1.48 -14.19
N THR A 211 -1.34 0.40 -13.83
CA THR A 211 0.11 0.48 -13.65
C THR A 211 0.79 0.97 -14.91
N ASN A 212 0.38 0.45 -16.07
CA ASN A 212 0.99 0.88 -17.32
C ASN A 212 0.71 2.35 -17.62
N ARG A 213 -0.46 2.86 -17.20
CA ARG A 213 -0.73 4.29 -17.39
C ARG A 213 0.18 5.15 -16.50
N VAL A 214 0.44 4.70 -15.27
CA VAL A 214 1.37 5.45 -14.43
C VAL A 214 2.77 5.43 -15.03
N ILE A 215 3.20 4.28 -15.55
CA ILE A 215 4.50 4.20 -16.20
C ILE A 215 4.57 5.15 -17.39
N ASN A 216 3.53 5.13 -18.23
CA ASN A 216 3.53 5.97 -19.42
C ASN A 216 3.55 7.46 -19.08
N ALA A 217 3.00 7.83 -17.92
CA ALA A 217 2.98 9.22 -17.53
C ALA A 217 4.29 9.65 -16.88
CHA HEM B . 3.09 -0.54 0.13
CHB HEM B . 2.48 -5.31 0.59
CHC HEM B . -2.20 -4.84 -0.59
CHD HEM B . -1.53 -0.11 -1.23
C1A HEM B . 3.32 -1.86 0.40
C2A HEM B . 4.57 -2.41 0.85
C3A HEM B . 4.43 -3.75 0.97
C4A HEM B . 3.06 -4.06 0.60
CMA HEM B . 5.49 -4.78 1.41
CAA HEM B . 5.85 -1.61 1.11
CBA HEM B . 6.47 -1.23 -0.25
CGA HEM B . 7.33 -0.02 0.00
O1A HEM B . 8.51 -0.21 0.39
O2A HEM B . 6.81 1.12 -0.17
C1B HEM B . 1.16 -5.60 0.29
C2B HEM B . 0.57 -6.92 0.30
C3B HEM B . -0.73 -6.80 -0.03
C4B HEM B . -0.99 -5.38 -0.24
CMB HEM B . 1.38 -8.20 0.62
CAB HEM B . -1.83 -7.88 -0.14
CBB HEM B . -1.74 -9.08 0.44
C1C HEM B . -2.45 -3.51 -0.88
C2C HEM B . -3.71 -2.95 -1.32
C3C HEM B . -3.54 -1.63 -1.47
C4C HEM B . -2.14 -1.33 -1.16
CMC HEM B . -5.01 -3.72 -1.53
CAC HEM B . -4.63 -0.65 -1.93
CBC HEM B . -4.59 0.65 -1.61
C1D HEM B . -0.21 0.19 -0.97
C2D HEM B . 0.44 1.48 -1.15
C3D HEM B . 1.72 1.36 -0.78
C4D HEM B . 1.92 -0.01 -0.35
CMD HEM B . -0.26 2.73 -1.70
CAD HEM B . 2.81 2.44 -0.81
CBD HEM B . 3.21 2.84 0.61
CGD HEM B . 4.31 3.87 0.54
O1D HEM B . 4.93 4.06 -0.54
O2D HEM B . 4.57 4.50 1.59
NA HEM B . 2.41 -2.90 0.25
NB HEM B . 0.18 -4.69 -0.03
NC HEM B . -1.51 -2.50 -0.79
ND HEM B . 0.73 -0.70 -0.48
FE HEM B . 0.39 -2.68 -0.08
MG MG C . 9.97 1.33 1.59
#